data_4PD1
#
_entry.id   4PD1
#
_cell.length_a   85.660
_cell.length_b   100.060
_cell.length_c   117.500
_cell.angle_alpha   90.00
_cell.angle_beta   90.00
_cell.angle_gamma   90.00
#
_symmetry.space_group_name_H-M   'I 2 2 2'
#
loop_
_entity.id
_entity.type
_entity.pdbx_description
1 polymer Gephyrin
2 polymer 'Glycine receptor subunit beta'
3 non-polymer GLYCEROL
4 non-polymer 'ACETATE ION'
5 water water
#
loop_
_entity_poly.entity_id
_entity_poly.type
_entity_poly.pdbx_seq_one_letter_code
_entity_poly.pdbx_strand_id
1 'polypeptide(L)'
;MSPFPLTSMDKAFITVLEMTPVLGTEIINYRDGMGRVLAQDVYAKDNLPPFPASVKDGYAVRAADGPGDRFIIGESQAGE
QPTQTVMPGQVMRVTTGAPIPCGADAVVQVEDTELIRESDDGTEELEVRILVQARPGQDIRPIGHDIKRGECVLAKGTHM
GPSEIGLLATVGVTEVEVNKFPVVAVMSTGNELLNPEDDLLPGKIRDSNRSTLLATIQEHGYPTINLGIVGDNPDDLLNA
LNEGISRADVIITSGGVSMGEKDYLKQVLDIDLHAQIHFGRVFMKPGLPTTFATLDIDGVRKIIFALPGNPVSAVVTCNL
FVVPALRKMQGILDPRPTIIKARLSCDVKLDPRPEYHRCILTWHHQEPLPWAQSTGNQMSSRLMSMRSANGLLMLPPKTE
QYVELHKGEVVDVMVIGRL
;
A
2 'polypeptide(L)' DFSIVGSLPRDFELS C
#
loop_
_chem_comp.id
_chem_comp.type
_chem_comp.name
_chem_comp.formula
ACT non-polymer 'ACETATE ION' 'C2 H3 O2 -1'
GOL non-polymer GLYCEROL 'C3 H8 O3'
#
# COMPACT_ATOMS: atom_id res chain seq x y z
N PHE A 4 36.49 4.35 2.83
CA PHE A 4 35.31 5.17 2.68
C PHE A 4 34.95 5.83 4.00
N PRO A 5 34.51 7.08 3.95
CA PRO A 5 34.17 7.75 5.21
C PRO A 5 32.86 7.23 5.81
N LEU A 6 32.70 7.37 7.13
CA LEU A 6 31.49 6.94 7.82
C LEU A 6 30.37 7.95 7.63
N THR A 7 29.32 7.51 6.95
CA THR A 7 28.18 8.39 6.69
C THR A 7 27.15 8.25 7.82
N SER A 8 26.59 9.37 8.29
CA SER A 8 25.56 9.30 9.32
C SER A 8 24.31 8.62 8.75
N MET A 9 23.47 8.07 9.62
CA MET A 9 22.26 7.36 9.16
C MET A 9 21.41 8.37 8.40
N ASP A 10 21.19 9.54 9.01
CA ASP A 10 20.34 10.53 8.36
C ASP A 10 20.86 10.93 6.97
N LYS A 11 22.17 11.20 6.84
CA LYS A 11 22.71 11.54 5.53
C LYS A 11 22.51 10.38 4.54
N ALA A 12 22.76 9.17 5.00
CA ALA A 12 22.61 8.02 4.13
C ALA A 12 21.17 7.91 3.62
N PHE A 13 20.21 8.09 4.51
CA PHE A 13 18.81 7.86 4.13
C PHE A 13 18.34 8.94 3.14
N ILE A 14 18.68 10.19 3.43
CA ILE A 14 18.35 11.32 2.57
C ILE A 14 19.00 11.15 1.20
N THR A 15 20.25 10.68 1.19
CA THR A 15 20.95 10.42 -0.06
C THR A 15 20.25 9.39 -0.94
N VAL A 16 19.85 8.26 -0.36
CA VAL A 16 19.09 7.26 -1.10
C VAL A 16 17.83 7.90 -1.71
N LEU A 17 17.05 8.62 -0.92
CA LEU A 17 15.80 9.18 -1.42
C LEU A 17 16.06 10.25 -2.49
N GLU A 18 17.09 11.07 -2.29
CA GLU A 18 17.34 12.15 -3.24
C GLU A 18 17.83 11.65 -4.61
N MET A 19 18.64 10.61 -4.58
CA MET A 19 19.30 10.14 -5.80
C MET A 19 18.46 9.11 -6.57
N THR A 20 17.48 8.52 -5.89
CA THR A 20 16.62 7.51 -6.52
C THR A 20 15.62 8.20 -7.47
N PRO A 21 15.50 7.69 -8.71
CA PRO A 21 14.56 8.29 -9.66
C PRO A 21 13.13 7.82 -9.46
N VAL A 22 12.19 8.54 -10.03
CA VAL A 22 10.82 8.08 -10.15
C VAL A 22 10.71 7.43 -11.53
N LEU A 23 10.14 6.25 -11.61
CA LEU A 23 10.04 5.52 -12.88
C LEU A 23 8.98 6.16 -13.79
N GLY A 24 9.09 5.87 -15.08
CA GLY A 24 8.14 6.37 -16.04
C GLY A 24 6.81 5.67 -15.86
N THR A 25 5.90 5.90 -16.80
CA THR A 25 4.50 5.47 -16.64
C THR A 25 4.15 4.42 -17.69
N GLU A 26 3.07 3.71 -17.45
CA GLU A 26 2.53 2.73 -18.38
C GLU A 26 1.03 2.67 -18.15
N ILE A 27 0.32 2.16 -19.14
CA ILE A 27 -1.13 1.99 -19.04
C ILE A 27 -1.44 0.57 -18.60
N ILE A 28 -2.29 0.40 -17.58
CA ILE A 28 -2.63 -0.96 -17.12
C ILE A 28 -4.14 -1.11 -17.01
N ASN A 29 -4.60 -2.36 -16.93
CA ASN A 29 -6.01 -2.65 -16.62
C ASN A 29 -6.27 -2.33 -15.12
N TYR A 30 -7.44 -1.74 -14.82
CA TYR A 30 -7.82 -1.40 -13.43
C TYR A 30 -7.61 -2.53 -12.44
N ARG A 31 -7.85 -3.77 -12.85
CA ARG A 31 -7.77 -4.91 -11.95
C ARG A 31 -6.37 -5.22 -11.52
N ASP A 32 -5.38 -4.69 -12.26
CA ASP A 32 -3.99 -4.81 -11.87
C ASP A 32 -3.50 -3.60 -11.07
N GLY A 33 -4.42 -2.78 -10.59
CA GLY A 33 -4.04 -1.57 -9.93
C GLY A 33 -3.59 -1.62 -8.48
N MET A 34 -3.59 -2.80 -7.86
CA MET A 34 -3.31 -2.87 -6.42
C MET A 34 -1.91 -2.37 -6.15
N GLY A 35 -1.79 -1.36 -5.30
CA GLY A 35 -0.49 -0.84 -4.92
C GLY A 35 0.13 0.14 -5.94
N ARG A 36 -0.55 0.36 -7.05
CA ARG A 36 -0.08 1.27 -8.08
C ARG A 36 -0.41 2.73 -7.72
N VAL A 37 0.36 3.65 -8.28
CA VAL A 37 0.11 5.07 -8.10
C VAL A 37 -0.38 5.64 -9.43
N LEU A 38 -1.54 6.26 -9.39
CA LEU A 38 -2.10 6.90 -10.59
C LEU A 38 -1.21 8.03 -11.05
N ALA A 39 -0.99 8.07 -12.36
CA ALA A 39 -0.18 9.12 -12.96
C ALA A 39 -1.05 10.15 -13.70
N GLN A 40 -2.36 9.93 -13.71
CA GLN A 40 -3.34 10.80 -14.36
C GLN A 40 -4.48 11.00 -13.36
N ASP A 41 -5.18 12.13 -13.47
CA ASP A 41 -6.46 12.34 -12.82
C ASP A 41 -7.49 11.47 -13.55
N VAL A 42 -8.47 10.96 -12.81
CA VAL A 42 -9.52 10.14 -13.36
C VAL A 42 -10.86 10.85 -13.19
N TYR A 43 -11.57 11.02 -14.31
CA TYR A 43 -12.85 11.71 -14.32
C TYR A 43 -14.04 10.78 -14.61
N ALA A 44 -15.16 11.05 -13.97
CA ALA A 44 -16.37 10.31 -14.25
C ALA A 44 -16.97 10.76 -15.56
N LYS A 45 -17.51 9.79 -16.30
CA LYS A 45 -18.16 10.11 -17.55
C LYS A 45 -19.67 10.03 -17.43
N ASP A 46 -20.17 9.50 -16.30
CA ASP A 46 -21.59 9.46 -16.01
C ASP A 46 -21.89 10.02 -14.62
N ASN A 47 -23.15 10.38 -14.42
CA ASN A 47 -23.72 10.56 -13.08
C ASN A 47 -23.96 9.28 -12.32
N LEU A 48 -23.74 9.33 -11.00
CA LEU A 48 -24.06 8.21 -10.14
C LEU A 48 -24.92 8.80 -9.03
N PRO A 49 -26.17 8.34 -8.88
CA PRO A 49 -26.88 7.48 -9.82
C PRO A 49 -27.19 8.24 -11.09
N PRO A 50 -27.37 7.55 -12.24
CA PRO A 50 -27.67 8.23 -13.50
C PRO A 50 -29.15 8.57 -13.67
N PHE A 51 -29.97 8.10 -12.74
CA PHE A 51 -31.40 8.39 -12.71
C PHE A 51 -31.74 8.69 -11.23
N PRO A 52 -32.84 9.39 -10.98
CA PRO A 52 -33.20 9.57 -9.56
C PRO A 52 -33.59 8.23 -8.99
N ALA A 53 -33.08 7.84 -7.83
CA ALA A 53 -33.30 6.49 -7.33
C ALA A 53 -33.95 6.47 -5.97
N SER A 54 -34.79 5.48 -5.74
CA SER A 54 -35.45 5.34 -4.45
C SER A 54 -34.45 4.91 -3.40
N VAL A 55 -34.52 5.54 -2.23
CA VAL A 55 -33.69 5.15 -1.12
C VAL A 55 -34.35 4.03 -0.32
N LYS A 56 -35.65 3.78 -0.57
CA LYS A 56 -36.46 2.87 0.28
C LYS A 56 -37.37 1.95 -0.52
N ASP A 57 -37.78 0.83 0.10
CA ASP A 57 -38.95 0.11 -0.36
C ASP A 57 -40.19 0.88 0.04
N GLY A 58 -41.03 1.18 -0.95
CA GLY A 58 -42.29 1.85 -0.68
C GLY A 58 -42.97 2.26 -1.96
N TYR A 59 -43.37 3.52 -2.01
CA TYR A 59 -44.17 4.03 -3.13
C TYR A 59 -43.65 5.40 -3.55
N ALA A 60 -43.56 5.60 -4.86
CA ALA A 60 -43.22 6.89 -5.41
C ALA A 60 -44.53 7.65 -5.49
N VAL A 61 -44.57 8.83 -4.87
CA VAL A 61 -45.80 9.57 -4.74
C VAL A 61 -45.65 11.03 -5.24
N ARG A 62 -46.78 11.67 -5.50
CA ARG A 62 -46.85 13.14 -5.64
C ARG A 62 -47.08 13.72 -4.25
N ALA A 63 -46.08 14.42 -3.71
CA ALA A 63 -46.20 15.02 -2.38
C ALA A 63 -47.44 15.91 -2.26
N ALA A 64 -47.82 16.53 -3.37
CA ALA A 64 -48.96 17.45 -3.41
C ALA A 64 -50.30 16.74 -3.26
N ASP A 65 -50.33 15.42 -3.39
CA ASP A 65 -51.55 14.66 -3.11
C ASP A 65 -51.75 14.55 -1.60
N GLY A 66 -50.67 14.70 -0.85
CA GLY A 66 -50.74 14.53 0.59
C GLY A 66 -51.13 13.11 0.95
N PRO A 67 -51.54 12.92 2.22
CA PRO A 67 -51.92 11.58 2.70
C PRO A 67 -53.24 11.16 2.09
N GLY A 68 -53.50 9.86 2.02
CA GLY A 68 -54.80 9.38 1.55
C GLY A 68 -54.68 8.10 0.74
N ASP A 69 -55.79 7.72 0.11
CA ASP A 69 -55.92 6.39 -0.48
C ASP A 69 -55.62 6.48 -1.97
N ARG A 70 -54.67 5.67 -2.43
CA ARG A 70 -54.12 5.80 -3.77
C ARG A 70 -54.22 4.52 -4.56
N PHE A 71 -54.38 4.69 -5.87
CA PHE A 71 -54.31 3.59 -6.81
C PHE A 71 -52.87 3.37 -7.19
N ILE A 72 -52.45 2.10 -7.19
CA ILE A 72 -51.08 1.71 -7.53
C ILE A 72 -51.10 1.32 -8.99
N ILE A 73 -50.37 2.05 -9.81
CA ILE A 73 -50.50 1.90 -11.27
C ILE A 73 -49.44 0.99 -11.83
N GLY A 74 -48.52 0.54 -10.99
CA GLY A 74 -47.41 -0.22 -11.52
C GLY A 74 -46.34 -0.35 -10.45
N GLU A 75 -45.20 -0.87 -10.87
CA GLU A 75 -44.05 -1.03 -10.00
C GLU A 75 -42.80 -0.70 -10.79
N SER A 76 -41.91 0.09 -10.21
CA SER A 76 -40.57 0.27 -10.72
C SER A 76 -39.62 -0.58 -9.90
N GLN A 77 -38.84 -1.39 -10.61
CA GLN A 77 -37.85 -2.24 -9.96
C GLN A 77 -36.46 -1.94 -10.49
N ALA A 78 -35.46 -2.28 -9.68
CA ALA A 78 -34.08 -2.04 -10.03
C ALA A 78 -33.79 -2.64 -11.41
N GLY A 79 -33.07 -1.87 -12.21
CA GLY A 79 -32.64 -2.34 -13.52
C GLY A 79 -33.62 -2.04 -14.64
N GLU A 80 -34.78 -1.46 -14.35
CA GLU A 80 -35.73 -1.19 -15.44
C GLU A 80 -36.11 0.28 -15.49
N GLN A 81 -36.41 0.80 -16.68
CA GLN A 81 -36.84 2.18 -16.81
C GLN A 81 -38.37 2.16 -16.77
N PRO A 82 -38.98 2.91 -15.85
CA PRO A 82 -40.44 2.94 -15.83
C PRO A 82 -40.98 3.64 -17.07
N THR A 83 -42.13 3.20 -17.56
CA THR A 83 -42.74 3.83 -18.74
C THR A 83 -44.07 4.55 -18.47
N GLN A 84 -44.52 4.58 -17.22
CA GLN A 84 -45.78 5.26 -16.91
C GLN A 84 -45.47 6.53 -16.16
N THR A 85 -46.39 7.46 -16.22
CA THR A 85 -46.30 8.71 -15.46
C THR A 85 -47.30 8.61 -14.32
N VAL A 86 -46.86 8.94 -13.11
CA VAL A 86 -47.75 8.97 -11.95
C VAL A 86 -48.60 10.24 -11.99
N MET A 87 -49.92 10.06 -12.01
CA MET A 87 -50.90 11.16 -12.01
C MET A 87 -51.49 11.39 -10.63
N PRO A 88 -52.25 12.50 -10.44
CA PRO A 88 -52.91 12.76 -9.15
C PRO A 88 -53.71 11.55 -8.69
N GLY A 89 -53.53 11.16 -7.42
CA GLY A 89 -54.30 10.06 -6.86
C GLY A 89 -53.71 8.70 -7.16
N GLN A 90 -52.55 8.69 -7.81
CA GLN A 90 -51.84 7.44 -8.13
C GLN A 90 -50.48 7.41 -7.43
N VAL A 91 -49.92 6.20 -7.32
CA VAL A 91 -48.56 6.00 -6.86
C VAL A 91 -48.00 4.81 -7.60
N MET A 92 -46.69 4.60 -7.52
CA MET A 92 -46.09 3.42 -8.10
C MET A 92 -45.24 2.77 -7.03
N ARG A 93 -45.36 1.47 -6.88
CA ARG A 93 -44.55 0.72 -5.93
C ARG A 93 -43.10 0.88 -6.37
N VAL A 94 -42.21 1.02 -5.42
CA VAL A 94 -40.79 1.07 -5.74
C VAL A 94 -40.02 0.22 -4.74
N THR A 95 -38.86 -0.26 -5.16
CA THR A 95 -37.92 -0.91 -4.26
C THR A 95 -36.67 -0.04 -4.17
N THR A 96 -35.84 -0.26 -3.17
CA THR A 96 -34.60 0.50 -3.02
C THR A 96 -33.78 0.38 -4.29
N GLY A 97 -33.34 1.51 -4.83
CA GLY A 97 -32.48 1.55 -6.00
C GLY A 97 -33.25 1.67 -7.29
N ALA A 98 -34.56 1.55 -7.24
CA ALA A 98 -35.36 1.64 -8.47
C ALA A 98 -35.47 3.09 -8.96
N PRO A 99 -35.55 3.28 -10.28
CA PRO A 99 -35.75 4.63 -10.82
C PRO A 99 -37.12 5.18 -10.44
N ILE A 100 -37.15 6.45 -10.08
CA ILE A 100 -38.38 7.17 -9.82
C ILE A 100 -39.06 7.54 -11.14
N PRO A 101 -40.36 7.20 -11.29
CA PRO A 101 -41.06 7.48 -12.56
C PRO A 101 -41.43 8.95 -12.69
N CYS A 102 -41.60 9.42 -13.92
CA CYS A 102 -42.09 10.77 -14.14
C CYS A 102 -43.38 10.99 -13.36
N GLY A 103 -43.60 12.20 -12.88
CA GLY A 103 -44.84 12.53 -12.20
C GLY A 103 -44.74 12.41 -10.69
N ALA A 104 -43.82 11.59 -10.20
CA ALA A 104 -43.64 11.41 -8.75
C ALA A 104 -42.50 12.29 -8.27
N ASP A 105 -42.62 12.86 -7.08
CA ASP A 105 -41.57 13.75 -6.57
C ASP A 105 -41.09 13.39 -5.17
N ALA A 106 -41.56 12.26 -4.64
CA ALA A 106 -41.06 11.78 -3.36
C ALA A 106 -41.34 10.29 -3.18
N VAL A 107 -40.68 9.69 -2.21
CA VAL A 107 -40.93 8.30 -1.86
C VAL A 107 -41.39 8.21 -0.44
N VAL A 108 -42.46 7.46 -0.23
CA VAL A 108 -42.96 7.16 1.09
C VAL A 108 -42.67 5.70 1.36
N GLN A 109 -41.95 5.48 2.45
CA GLN A 109 -41.56 4.15 2.81
C GLN A 109 -42.77 3.33 3.22
N VAL A 110 -42.61 2.02 3.00
CA VAL A 110 -43.71 1.09 3.11
C VAL A 110 -44.28 1.08 4.54
N GLU A 111 -43.42 1.28 5.53
CA GLU A 111 -43.87 1.30 6.93
C GLU A 111 -44.80 2.49 7.20
N ASP A 112 -44.78 3.48 6.32
CA ASP A 112 -45.70 4.63 6.45
C ASP A 112 -46.97 4.51 5.61
N THR A 113 -47.37 3.26 5.35
CA THR A 113 -48.51 2.97 4.50
C THR A 113 -49.24 1.76 5.00
N GLU A 114 -50.48 1.60 4.55
CA GLU A 114 -51.25 0.41 4.82
C GLU A 114 -51.93 -0.01 3.51
N LEU A 115 -51.77 -1.27 3.17
CA LEU A 115 -52.40 -1.82 1.96
C LEU A 115 -53.91 -1.91 2.11
N ILE A 116 -54.62 -1.45 1.08
CA ILE A 116 -56.07 -1.53 1.07
C ILE A 116 -56.59 -2.74 0.28
N ARG A 117 -56.21 -2.86 -0.99
CA ARG A 117 -56.68 -3.98 -1.81
C ARG A 117 -55.54 -4.65 -2.60
N GLU A 118 -55.70 -5.96 -2.78
CA GLU A 118 -54.73 -6.84 -3.41
C GLU A 118 -55.46 -7.63 -4.49
N SER A 119 -54.81 -7.94 -5.63
CA SER A 119 -55.52 -8.70 -6.67
C SER A 119 -56.03 -10.02 -6.07
N ASP A 120 -57.08 -10.57 -6.67
CA ASP A 120 -57.68 -11.82 -6.19
C ASP A 120 -56.64 -12.92 -6.00
N ASP A 121 -55.71 -13.03 -6.94
CA ASP A 121 -54.64 -14.01 -6.88
C ASP A 121 -53.63 -13.68 -5.79
N GLY A 122 -53.58 -12.41 -5.38
CA GLY A 122 -52.71 -11.99 -4.29
C GLY A 122 -51.30 -11.61 -4.73
N THR A 123 -51.07 -11.55 -6.05
CA THR A 123 -49.74 -11.23 -6.58
C THR A 123 -49.54 -9.73 -6.84
N GLU A 124 -50.63 -8.98 -6.88
CA GLU A 124 -50.58 -7.55 -7.19
C GLU A 124 -51.20 -6.72 -6.08
N GLU A 125 -50.54 -5.63 -5.70
CA GLU A 125 -51.11 -4.60 -4.85
C GLU A 125 -51.86 -3.59 -5.71
N LEU A 126 -53.06 -3.23 -5.30
CA LEU A 126 -53.93 -2.42 -6.14
C LEU A 126 -54.17 -1.02 -5.58
N GLU A 127 -54.36 -0.91 -4.26
CA GLU A 127 -54.62 0.35 -3.61
C GLU A 127 -53.94 0.41 -2.24
N VAL A 128 -53.50 1.59 -1.86
CA VAL A 128 -52.72 1.74 -0.66
C VAL A 128 -53.06 3.09 -0.01
N ARG A 129 -53.02 3.09 1.31
CA ARG A 129 -53.21 4.29 2.07
C ARG A 129 -51.87 4.85 2.48
N ILE A 130 -51.63 6.09 2.09
CA ILE A 130 -50.41 6.81 2.41
C ILE A 130 -50.73 7.57 3.69
N LEU A 131 -50.01 7.25 4.75
CA LEU A 131 -50.34 7.75 6.10
C LEU A 131 -49.66 9.07 6.45
N VAL A 132 -48.74 9.54 5.63
CA VAL A 132 -47.95 10.71 6.00
C VAL A 132 -47.96 11.73 4.88
N GLN A 133 -47.48 12.93 5.21
CA GLN A 133 -47.28 14.01 4.26
C GLN A 133 -45.82 14.06 3.83
N ALA A 134 -45.54 13.60 2.61
CA ALA A 134 -44.17 13.57 2.12
C ALA A 134 -43.71 14.98 1.80
N ARG A 135 -42.42 15.26 2.04
CA ARG A 135 -41.77 16.48 1.53
C ARG A 135 -41.17 16.19 0.17
N PRO A 136 -41.23 17.16 -0.77
CA PRO A 136 -40.60 16.97 -2.09
C PRO A 136 -39.16 16.48 -1.98
N GLY A 137 -38.81 15.41 -2.71
CA GLY A 137 -37.44 14.95 -2.78
C GLY A 137 -37.13 13.88 -1.74
N GLN A 138 -38.08 13.67 -0.86
CA GLN A 138 -37.89 12.76 0.25
C GLN A 138 -37.61 11.33 -0.19
N ASP A 139 -36.57 10.74 0.38
CA ASP A 139 -36.20 9.35 0.14
C ASP A 139 -35.85 9.04 -1.32
N ILE A 140 -35.37 10.07 -2.00
CA ILE A 140 -34.89 9.95 -3.37
C ILE A 140 -33.43 10.43 -3.42
N ARG A 141 -32.55 9.59 -3.96
CA ARG A 141 -31.19 10.00 -4.25
C ARG A 141 -31.24 10.64 -5.65
N PRO A 142 -30.98 11.96 -5.76
CA PRO A 142 -31.09 12.54 -7.10
C PRO A 142 -29.93 12.21 -8.03
N ILE A 143 -30.15 12.36 -9.33
CA ILE A 143 -29.10 12.17 -10.30
C ILE A 143 -27.84 12.90 -9.88
N GLY A 144 -26.71 12.21 -9.89
CA GLY A 144 -25.43 12.82 -9.58
C GLY A 144 -25.18 13.08 -8.09
N HIS A 145 -26.02 12.53 -7.23
CA HIS A 145 -25.82 12.74 -5.80
C HIS A 145 -24.47 12.21 -5.34
N ASP A 146 -24.03 11.10 -5.92
CA ASP A 146 -22.84 10.43 -5.40
C ASP A 146 -21.62 10.86 -6.21
N ILE A 147 -21.80 10.94 -7.52
CA ILE A 147 -20.74 11.35 -8.42
C ILE A 147 -21.38 12.11 -9.56
N LYS A 148 -20.76 13.20 -9.97
CA LYS A 148 -21.28 13.95 -11.09
C LYS A 148 -20.42 13.77 -12.33
N ARG A 149 -21.04 13.75 -13.48
CA ARG A 149 -20.29 13.62 -14.70
C ARG A 149 -19.28 14.75 -14.78
N GLY A 150 -18.05 14.44 -15.19
CA GLY A 150 -17.00 15.44 -15.30
C GLY A 150 -16.24 15.68 -14.01
N GLU A 151 -16.72 15.14 -12.89
CA GLU A 151 -16.03 15.22 -11.61
C GLU A 151 -14.75 14.37 -11.60
N CYS A 152 -13.71 14.88 -10.98
CA CYS A 152 -12.50 14.10 -10.75
C CYS A 152 -12.75 13.23 -9.54
N VAL A 153 -12.66 11.92 -9.71
CA VAL A 153 -12.99 11.01 -8.62
C VAL A 153 -11.76 10.42 -7.97
N LEU A 154 -10.65 10.41 -8.71
CA LEU A 154 -9.34 10.07 -8.14
C LEU A 154 -8.27 10.98 -8.76
N ALA A 155 -7.39 11.50 -7.92
CA ALA A 155 -6.37 12.40 -8.41
C ALA A 155 -5.08 11.64 -8.73
N LYS A 156 -4.29 12.16 -9.66
CA LYS A 156 -2.93 11.66 -9.81
C LYS A 156 -2.17 11.68 -8.47
N GLY A 157 -1.36 10.66 -8.24
CA GLY A 157 -0.63 10.54 -6.98
C GLY A 157 -1.33 9.62 -5.99
N THR A 158 -2.57 9.26 -6.26
CA THR A 158 -3.29 8.34 -5.38
C THR A 158 -2.70 6.95 -5.44
N HIS A 159 -2.40 6.41 -4.26
CA HIS A 159 -1.85 5.07 -4.10
C HIS A 159 -3.03 4.12 -3.92
N MET A 160 -3.25 3.27 -4.94
CA MET A 160 -4.47 2.49 -5.01
C MET A 160 -4.57 1.18 -4.17
N GLY A 161 -5.73 1.05 -3.50
CA GLY A 161 -6.11 -0.18 -2.82
C GLY A 161 -7.46 -0.66 -3.38
N PRO A 162 -8.06 -1.68 -2.71
CA PRO A 162 -9.33 -2.26 -3.17
C PRO A 162 -10.48 -1.30 -3.48
N SER A 163 -10.69 -0.30 -2.62
CA SER A 163 -11.79 0.61 -2.86
C SER A 163 -11.52 1.51 -4.04
N GLU A 164 -10.26 1.85 -4.29
CA GLU A 164 -9.94 2.67 -5.44
C GLU A 164 -10.17 1.90 -6.74
N ILE A 165 -9.82 0.63 -6.73
CA ILE A 165 -10.14 -0.23 -7.83
C ILE A 165 -11.64 -0.30 -8.06
N GLY A 166 -12.41 -0.41 -6.99
CA GLY A 166 -13.84 -0.45 -7.11
C GLY A 166 -14.41 0.87 -7.62
N LEU A 167 -13.77 1.98 -7.27
CA LEU A 167 -14.18 3.29 -7.83
C LEU A 167 -13.94 3.38 -9.36
N LEU A 168 -12.79 2.89 -9.85
CA LEU A 168 -12.55 2.81 -11.29
C LEU A 168 -13.65 2.00 -11.94
N ALA A 169 -14.03 0.88 -11.33
CA ALA A 169 -15.10 0.03 -11.88
C ALA A 169 -16.40 0.81 -11.97
N THR A 170 -16.72 1.53 -10.90
CA THR A 170 -17.98 2.28 -10.85
C THR A 170 -18.10 3.26 -12.00
N VAL A 171 -17.00 3.94 -12.32
CA VAL A 171 -17.07 4.98 -13.35
C VAL A 171 -16.68 4.47 -14.73
N GLY A 172 -16.39 3.17 -14.83
CA GLY A 172 -16.16 2.51 -16.09
C GLY A 172 -14.80 2.88 -16.71
N VAL A 173 -13.83 3.27 -15.90
CA VAL A 173 -12.50 3.60 -16.39
C VAL A 173 -11.60 2.40 -16.10
N THR A 174 -11.55 1.52 -17.07
CA THR A 174 -10.91 0.20 -16.94
C THR A 174 -9.44 0.16 -17.32
N GLU A 175 -8.96 1.21 -17.98
CA GLU A 175 -7.53 1.36 -18.34
C GLU A 175 -7.00 2.69 -17.75
N VAL A 176 -5.91 2.64 -16.97
CA VAL A 176 -5.36 3.87 -16.35
C VAL A 176 -3.83 3.96 -16.48
N GLU A 177 -3.32 5.19 -16.53
CA GLU A 177 -1.88 5.44 -16.53
C GLU A 177 -1.37 5.46 -15.09
N VAL A 178 -0.34 4.67 -14.84
CA VAL A 178 0.26 4.50 -13.52
C VAL A 178 1.76 4.53 -13.64
N ASN A 179 2.45 4.80 -12.55
CA ASN A 179 3.90 4.61 -12.58
C ASN A 179 4.21 3.12 -12.69
N LYS A 180 5.31 2.83 -13.36
CA LYS A 180 5.83 1.46 -13.39
C LYS A 180 6.29 1.01 -12.00
N PHE A 181 6.26 -0.28 -11.75
CA PHE A 181 6.95 -0.90 -10.64
C PHE A 181 8.43 -1.19 -10.95
N PRO A 182 9.33 -1.00 -9.98
CA PRO A 182 10.73 -1.36 -10.24
C PRO A 182 10.91 -2.88 -10.34
N VAL A 183 11.71 -3.28 -11.29
CA VAL A 183 12.21 -4.66 -11.38
C VAL A 183 13.54 -4.74 -10.60
N VAL A 184 13.61 -5.69 -9.66
CA VAL A 184 14.74 -5.76 -8.74
C VAL A 184 15.49 -7.07 -8.92
N ALA A 185 16.75 -6.96 -9.28
CA ALA A 185 17.63 -8.12 -9.40
C ALA A 185 18.43 -8.31 -8.12
N VAL A 186 18.49 -9.56 -7.65
CA VAL A 186 19.25 -9.90 -6.45
C VAL A 186 20.28 -10.97 -6.70
N MET A 187 21.49 -10.71 -6.20
CA MET A 187 22.56 -11.69 -6.27
C MET A 187 23.23 -11.79 -4.90
N SER A 188 23.92 -12.90 -4.65
CA SER A 188 24.78 -13.02 -3.47
C SER A 188 26.21 -13.24 -3.92
N THR A 189 27.15 -12.67 -3.21
CA THR A 189 28.55 -12.91 -3.55
C THR A 189 29.24 -13.53 -2.35
N GLY A 190 30.10 -14.51 -2.60
CA GLY A 190 30.84 -15.21 -1.57
C GLY A 190 31.27 -16.61 -1.98
N ASN A 191 32.56 -16.85 -1.88
CA ASN A 191 33.14 -18.12 -2.33
C ASN A 191 32.69 -19.28 -1.46
N GLU A 192 32.11 -18.98 -0.30
CA GLU A 192 31.69 -20.02 0.64
C GLU A 192 30.25 -20.51 0.40
N LEU A 193 29.58 -19.93 -0.59
CA LEU A 193 28.13 -20.10 -0.75
C LEU A 193 27.72 -21.20 -1.73
N LEU A 194 26.73 -21.96 -1.31
CA LEU A 194 26.04 -22.96 -2.12
C LEU A 194 24.58 -22.59 -2.22
N ASN A 195 23.91 -23.09 -3.26
CA ASN A 195 22.49 -22.91 -3.37
C ASN A 195 21.76 -23.70 -2.28
N PRO A 196 20.57 -23.25 -1.90
CA PRO A 196 19.77 -23.94 -0.89
C PRO A 196 19.51 -25.41 -1.24
N GLU A 197 19.38 -25.66 -2.53
CA GLU A 197 19.12 -27.01 -3.03
C GLU A 197 20.30 -27.96 -2.90
N ASP A 198 21.46 -27.46 -2.48
CA ASP A 198 22.68 -28.26 -2.51
C ASP A 198 22.99 -28.89 -1.16
N ASP A 199 23.63 -30.07 -1.20
CA ASP A 199 24.27 -30.64 -0.02
C ASP A 199 25.53 -29.84 0.31
N LEU A 200 25.94 -29.86 1.57
CA LEU A 200 27.13 -29.10 1.96
C LEU A 200 28.40 -29.75 1.43
N LEU A 201 29.38 -28.91 1.15
CA LEU A 201 30.76 -29.34 0.86
C LEU A 201 31.70 -28.71 1.88
N PRO A 202 32.93 -29.24 2.00
CA PRO A 202 33.88 -28.69 2.97
C PRO A 202 34.07 -27.18 2.83
N GLY A 203 33.97 -26.46 3.95
CA GLY A 203 34.20 -25.03 3.98
C GLY A 203 33.02 -24.16 3.48
N LYS A 204 31.91 -24.78 3.11
CA LYS A 204 30.79 -24.04 2.50
C LYS A 204 29.50 -24.06 3.32
N ILE A 205 28.63 -23.09 3.04
CA ILE A 205 27.34 -23.02 3.71
C ILE A 205 26.28 -22.63 2.66
N ARG A 206 25.01 -22.79 3.00
CA ARG A 206 23.95 -22.39 2.07
C ARG A 206 23.63 -20.88 2.11
N ASP A 207 23.44 -20.29 0.95
CA ASP A 207 23.08 -18.89 0.75
C ASP A 207 21.64 -18.72 1.19
N SER A 208 21.41 -17.92 2.23
CA SER A 208 20.01 -17.63 2.67
C SER A 208 19.58 -16.20 2.30
N ASN A 209 20.55 -15.30 2.14
CA ASN A 209 20.25 -13.88 1.93
C ASN A 209 19.50 -13.64 0.63
N ARG A 210 19.88 -14.34 -0.43
CA ARG A 210 19.17 -14.18 -1.70
C ARG A 210 17.67 -14.46 -1.50
N SER A 211 17.34 -15.60 -0.90
CA SER A 211 15.91 -15.93 -0.71
C SER A 211 15.21 -14.92 0.18
N THR A 212 15.88 -14.53 1.27
CA THR A 212 15.28 -13.59 2.20
C THR A 212 14.99 -12.27 1.52
N LEU A 213 15.98 -11.75 0.80
CA LEU A 213 15.84 -10.46 0.13
C LEU A 213 14.78 -10.53 -0.99
N LEU A 214 14.82 -11.60 -1.78
CA LEU A 214 13.84 -11.75 -2.83
C LEU A 214 12.43 -11.82 -2.23
N ALA A 215 12.27 -12.55 -1.12
CA ALA A 215 10.96 -12.66 -0.50
C ALA A 215 10.49 -11.29 0.06
N THR A 216 11.41 -10.51 0.59
CA THR A 216 11.08 -9.20 1.13
C THR A 216 10.56 -8.29 0.02
N ILE A 217 11.23 -8.31 -1.12
CA ILE A 217 10.84 -7.46 -2.23
C ILE A 217 9.48 -7.90 -2.82
N GLN A 218 9.33 -9.21 -3.00
CA GLN A 218 8.08 -9.80 -3.46
C GLN A 218 6.91 -9.48 -2.53
N GLU A 219 7.16 -9.46 -1.23
CA GLU A 219 6.12 -9.15 -0.25
C GLU A 219 5.53 -7.76 -0.52
N HIS A 220 6.34 -6.85 -1.04
CA HIS A 220 5.90 -5.49 -1.33
C HIS A 220 5.33 -5.36 -2.73
N GLY A 221 5.36 -6.46 -3.49
CA GLY A 221 4.65 -6.50 -4.74
C GLY A 221 5.48 -6.28 -5.98
N TYR A 222 6.80 -6.14 -5.86
CA TYR A 222 7.65 -5.78 -7.00
C TYR A 222 8.22 -7.04 -7.68
N PRO A 223 8.32 -7.01 -9.01
CA PRO A 223 8.90 -8.13 -9.77
C PRO A 223 10.39 -8.26 -9.49
N THR A 224 10.89 -9.49 -9.49
CA THR A 224 12.26 -9.73 -9.07
C THR A 224 12.91 -10.63 -10.07
N ILE A 225 14.22 -10.56 -10.08
CA ILE A 225 15.09 -11.42 -10.90
C ILE A 225 16.15 -12.03 -9.97
N ASN A 226 16.27 -13.34 -10.02
CA ASN A 226 17.28 -14.07 -9.27
C ASN A 226 18.56 -14.23 -10.09
N LEU A 227 19.56 -13.47 -9.71
CA LEU A 227 20.84 -13.51 -10.40
C LEU A 227 21.82 -14.55 -9.83
N GLY A 228 21.43 -15.28 -8.79
CA GLY A 228 22.24 -16.38 -8.30
C GLY A 228 23.41 -15.99 -7.40
N ILE A 229 24.30 -16.96 -7.17
CA ILE A 229 25.51 -16.75 -6.41
C ILE A 229 26.63 -16.36 -7.38
N VAL A 230 27.40 -15.38 -7.00
CA VAL A 230 28.40 -14.81 -7.90
C VAL A 230 29.72 -14.93 -7.21
N GLY A 231 30.71 -15.49 -7.90
CA GLY A 231 32.04 -15.56 -7.35
C GLY A 231 32.57 -14.18 -6.97
N ASP A 232 33.28 -14.11 -5.84
CA ASP A 232 33.84 -12.86 -5.35
C ASP A 232 35.13 -12.49 -6.08
N ASN A 233 34.99 -12.11 -7.33
CA ASN A 233 36.14 -11.68 -8.10
C ASN A 233 35.65 -10.75 -9.23
N PRO A 234 36.51 -9.81 -9.68
CA PRO A 234 36.10 -8.78 -10.65
C PRO A 234 35.36 -9.31 -11.89
N ASP A 235 35.90 -10.32 -12.55
CA ASP A 235 35.30 -10.82 -13.78
C ASP A 235 33.86 -11.27 -13.53
N ASP A 236 33.67 -12.15 -12.55
CA ASP A 236 32.32 -12.66 -12.32
C ASP A 236 31.36 -11.56 -11.84
N LEU A 237 31.87 -10.62 -11.03
CA LEU A 237 31.03 -9.55 -10.52
C LEU A 237 30.57 -8.62 -11.65
N LEU A 238 31.48 -8.33 -12.57
CA LEU A 238 31.18 -7.45 -13.68
C LEU A 238 30.13 -8.09 -14.57
N ASN A 239 30.31 -9.36 -14.90
CA ASN A 239 29.31 -10.04 -15.69
C ASN A 239 27.93 -10.06 -15.04
N ALA A 240 27.86 -10.33 -13.75
CA ALA A 240 26.58 -10.37 -13.08
C ALA A 240 25.96 -8.95 -13.02
N LEU A 241 26.77 -7.95 -12.71
CA LEU A 241 26.23 -6.59 -12.61
C LEU A 241 25.70 -6.14 -13.96
N ASN A 242 26.46 -6.46 -15.03
CA ASN A 242 26.02 -6.15 -16.38
C ASN A 242 24.68 -6.80 -16.68
N GLU A 243 24.50 -8.06 -16.29
CA GLU A 243 23.20 -8.69 -16.51
C GLU A 243 22.08 -7.97 -15.76
N GLY A 244 22.36 -7.59 -14.50
CA GLY A 244 21.40 -6.87 -13.68
C GLY A 244 20.98 -5.55 -14.27
N ILE A 245 21.97 -4.77 -14.70
CA ILE A 245 21.74 -3.48 -15.32
C ILE A 245 20.87 -3.63 -16.58
N SER A 246 21.10 -4.68 -17.35
CA SER A 246 20.34 -4.93 -18.55
C SER A 246 18.90 -5.34 -18.27
N ARG A 247 18.67 -6.12 -17.21
CA ARG A 247 17.35 -6.71 -16.96
C ARG A 247 16.49 -5.96 -15.94
N ALA A 248 17.08 -5.04 -15.19
CA ALA A 248 16.45 -4.56 -13.99
C ALA A 248 16.68 -3.05 -13.76
N ASP A 249 15.86 -2.48 -12.88
CA ASP A 249 16.00 -1.07 -12.52
C ASP A 249 16.87 -0.92 -11.28
N VAL A 250 16.88 -1.98 -10.48
CA VAL A 250 17.60 -1.96 -9.20
C VAL A 250 18.38 -3.25 -9.08
N ILE A 251 19.63 -3.14 -8.62
CA ILE A 251 20.41 -4.31 -8.33
C ILE A 251 20.81 -4.33 -6.88
N ILE A 252 20.56 -5.46 -6.23
CA ILE A 252 20.97 -5.70 -4.85
C ILE A 252 21.93 -6.87 -4.76
N THR A 253 23.08 -6.64 -4.12
CA THR A 253 23.96 -7.73 -3.80
C THR A 253 24.13 -7.80 -2.29
N SER A 254 24.51 -8.96 -1.76
CA SER A 254 24.97 -9.03 -0.41
C SER A 254 26.19 -9.91 -0.33
N GLY A 255 27.06 -9.58 0.63
CA GLY A 255 28.33 -10.25 0.85
C GLY A 255 29.46 -9.50 0.14
N GLY A 256 30.68 -10.00 0.28
CA GLY A 256 31.85 -9.43 -0.37
C GLY A 256 32.35 -8.15 0.28
N ASP A 263 38.35 -5.49 -2.13
CA ASP A 263 36.93 -5.12 -2.21
C ASP A 263 36.51 -4.96 -3.67
N TYR A 264 36.37 -6.09 -4.35
CA TYR A 264 36.15 -6.12 -5.79
C TYR A 264 34.87 -5.41 -6.23
N LEU A 265 33.82 -5.51 -5.42
CA LEU A 265 32.56 -4.88 -5.79
C LEU A 265 32.74 -3.39 -6.10
N LYS A 266 33.30 -2.66 -5.14
CA LYS A 266 33.51 -1.22 -5.36
C LYS A 266 34.43 -0.95 -6.55
N GLN A 267 35.46 -1.77 -6.74
CA GLN A 267 36.38 -1.58 -7.85
C GLN A 267 35.68 -1.71 -9.20
N VAL A 268 34.76 -2.68 -9.30
CA VAL A 268 34.05 -2.90 -10.54
C VAL A 268 33.08 -1.73 -10.79
N LEU A 269 32.35 -1.35 -9.76
CA LEU A 269 31.39 -0.25 -9.87
C LEU A 269 32.05 1.04 -10.32
N ASP A 270 33.26 1.28 -9.83
CA ASP A 270 33.97 2.54 -10.06
C ASP A 270 34.69 2.50 -11.39
N ILE A 271 35.63 1.56 -11.49
CA ILE A 271 36.56 1.49 -12.61
C ILE A 271 35.96 0.87 -13.88
N ASP A 272 35.16 -0.17 -13.73
CA ASP A 272 34.58 -0.82 -14.91
C ASP A 272 33.27 -0.19 -15.35
N LEU A 273 32.43 0.19 -14.40
CA LEU A 273 31.07 0.64 -14.72
C LEU A 273 30.90 2.16 -14.69
N HIS A 274 31.84 2.84 -14.04
CA HIS A 274 31.80 4.29 -13.89
C HIS A 274 30.56 4.75 -13.14
N ALA A 275 30.10 3.91 -12.23
CA ALA A 275 29.00 4.25 -11.33
C ALA A 275 29.43 5.29 -10.31
N GLN A 276 28.47 6.03 -9.77
CA GLN A 276 28.75 6.97 -8.69
C GLN A 276 28.46 6.33 -7.36
N ILE A 277 29.48 6.11 -6.55
CA ILE A 277 29.28 5.47 -5.25
C ILE A 277 29.06 6.57 -4.26
N HIS A 278 27.85 6.63 -3.72
CA HIS A 278 27.49 7.77 -2.87
C HIS A 278 27.90 7.59 -1.41
N PHE A 279 27.89 6.35 -0.93
CA PHE A 279 28.51 6.03 0.37
C PHE A 279 28.87 4.54 0.40
N GLY A 280 29.88 4.20 1.18
CA GLY A 280 30.31 2.83 1.33
C GLY A 280 30.36 2.35 2.77
N ARG A 281 30.07 3.26 3.71
CA ARG A 281 30.02 2.93 5.14
C ARG A 281 29.01 3.83 5.83
N VAL A 282 28.16 3.27 6.67
CA VAL A 282 27.18 4.04 7.42
C VAL A 282 27.41 3.81 8.92
N PHE A 283 27.41 4.88 9.71
CA PHE A 283 27.48 4.79 11.17
C PHE A 283 26.16 4.28 11.74
N MET A 284 25.99 2.97 11.72
CA MET A 284 24.76 2.33 12.15
C MET A 284 25.10 0.91 12.59
N LYS A 285 24.23 0.33 13.41
CA LYS A 285 24.41 -1.02 13.88
C LYS A 285 23.07 -1.81 13.78
N PRO A 286 23.06 -2.92 13.03
CA PRO A 286 24.14 -3.40 12.16
C PRO A 286 24.14 -2.61 10.87
N GLY A 287 24.98 -2.99 9.93
CA GLY A 287 24.90 -2.46 8.57
C GLY A 287 26.03 -1.52 8.22
N LEU A 288 27.05 -1.45 9.06
CA LEU A 288 28.16 -0.56 8.79
C LEU A 288 28.64 -0.60 7.31
N PRO A 289 28.82 -1.78 6.73
CA PRO A 289 29.46 -1.73 5.41
C PRO A 289 28.55 -1.47 4.21
N THR A 290 27.37 -0.91 4.43
CA THR A 290 26.38 -0.75 3.37
C THR A 290 26.81 0.29 2.30
N THR A 291 26.59 -0.07 1.04
CA THR A 291 27.09 0.72 -0.07
C THR A 291 25.94 1.06 -1.04
N PHE A 292 25.85 2.32 -1.44
CA PHE A 292 24.79 2.72 -2.37
C PHE A 292 25.45 3.46 -3.53
N ALA A 293 25.07 3.10 -4.75
CA ALA A 293 25.66 3.67 -5.94
C ALA A 293 24.54 3.90 -6.96
N THR A 294 24.72 4.90 -7.82
CA THR A 294 23.84 5.08 -8.97
C THR A 294 24.65 4.99 -10.28
N LEU A 295 23.99 4.59 -11.36
CA LEU A 295 24.60 4.55 -12.68
C LEU A 295 23.66 5.21 -13.70
N ASP A 296 24.14 6.22 -14.39
CA ASP A 296 23.36 6.86 -15.43
C ASP A 296 23.82 6.31 -16.76
N ILE A 297 22.93 5.61 -17.46
CA ILE A 297 23.27 4.95 -18.70
C ILE A 297 22.06 4.95 -19.63
N ASP A 298 22.30 5.27 -20.90
CA ASP A 298 21.25 5.29 -21.91
C ASP A 298 20.07 6.18 -21.51
N GLY A 299 20.35 7.30 -20.86
CA GLY A 299 19.32 8.26 -20.49
C GLY A 299 18.52 7.91 -19.23
N VAL A 300 18.80 6.79 -18.60
CA VAL A 300 18.07 6.41 -17.38
C VAL A 300 19.03 6.18 -16.24
N ARG A 301 18.51 6.12 -15.01
CA ARG A 301 19.36 5.91 -13.85
C ARG A 301 19.07 4.56 -13.16
N LYS A 302 20.09 3.71 -13.07
CA LYS A 302 20.00 2.46 -12.31
C LYS A 302 20.47 2.69 -10.85
N ILE A 303 19.90 1.98 -9.88
CA ILE A 303 20.41 2.08 -8.52
C ILE A 303 20.87 0.73 -8.05
N ILE A 304 21.96 0.76 -7.29
CA ILE A 304 22.67 -0.42 -6.83
C ILE A 304 22.93 -0.33 -5.34
N PHE A 305 22.56 -1.39 -4.64
CA PHE A 305 22.80 -1.51 -3.23
C PHE A 305 23.69 -2.74 -3.03
N ALA A 306 24.77 -2.58 -2.29
CA ALA A 306 25.56 -3.72 -1.86
C ALA A 306 25.42 -3.77 -0.35
N LEU A 307 24.67 -4.76 0.09
CA LEU A 307 24.35 -4.94 1.49
C LEU A 307 25.35 -5.83 2.17
N PRO A 308 25.47 -5.71 3.51
CA PRO A 308 26.40 -6.60 4.21
C PRO A 308 25.99 -8.07 4.10
N GLY A 309 26.94 -8.97 4.30
CA GLY A 309 26.73 -10.39 4.12
C GLY A 309 26.02 -11.02 5.31
N ASN A 310 26.20 -10.45 6.49
CA ASN A 310 25.49 -10.96 7.67
C ASN A 310 23.96 -10.93 7.44
N PRO A 311 23.29 -12.04 7.73
CA PRO A 311 21.90 -12.07 7.25
C PRO A 311 20.97 -11.13 8.02
N VAL A 312 21.26 -10.86 9.29
CA VAL A 312 20.46 -9.89 10.03
C VAL A 312 20.70 -8.51 9.45
N SER A 313 21.97 -8.20 9.13
CA SER A 313 22.32 -6.90 8.57
C SER A 313 21.67 -6.70 7.21
N ALA A 314 21.67 -7.76 6.39
CA ALA A 314 21.08 -7.66 5.06
C ALA A 314 19.57 -7.32 5.16
N VAL A 315 18.85 -7.97 6.06
N VAL A 315 18.88 -8.01 6.08
CA VAL A 315 17.42 -7.76 6.09
CA VAL A 315 17.44 -7.82 6.27
C VAL A 315 17.07 -6.42 6.77
C VAL A 315 17.14 -6.40 6.71
N VAL A 316 17.91 -5.97 7.71
CA VAL A 316 17.76 -4.65 8.32
C VAL A 316 18.04 -3.51 7.34
N THR A 317 19.13 -3.59 6.59
CA THR A 317 19.47 -2.53 5.64
C THR A 317 18.51 -2.55 4.45
N CYS A 318 18.03 -3.73 4.10
CA CYS A 318 17.05 -3.82 3.03
C CYS A 318 15.78 -3.03 3.39
N ASN A 319 15.29 -3.22 4.61
CA ASN A 319 14.14 -2.48 5.07
C ASN A 319 14.34 -1.00 5.27
N LEU A 320 15.53 -0.61 5.71
CA LEU A 320 15.80 0.80 5.99
C LEU A 320 16.04 1.61 4.73
N PHE A 321 16.77 1.04 3.76
CA PHE A 321 17.23 1.81 2.60
C PHE A 321 16.53 1.38 1.28
N VAL A 322 16.43 0.09 1.04
CA VAL A 322 15.94 -0.40 -0.25
C VAL A 322 14.42 -0.17 -0.39
N VAL A 323 13.64 -0.55 0.61
CA VAL A 323 12.18 -0.48 0.47
C VAL A 323 11.73 0.98 0.21
N PRO A 324 12.25 1.95 0.98
CA PRO A 324 11.82 3.34 0.67
C PRO A 324 12.24 3.78 -0.73
N ALA A 325 13.41 3.33 -1.20
CA ALA A 325 13.79 3.67 -2.58
C ALA A 325 12.79 3.08 -3.58
N LEU A 326 12.38 1.83 -3.35
CA LEU A 326 11.48 1.18 -4.29
C LEU A 326 10.11 1.90 -4.28
N ARG A 327 9.68 2.31 -3.08
CA ARG A 327 8.41 3.02 -2.99
C ARG A 327 8.49 4.36 -3.77
N LYS A 328 9.64 5.03 -3.70
CA LYS A 328 9.80 6.23 -4.51
C LYS A 328 9.75 5.90 -5.99
N MET A 329 10.41 4.81 -6.39
CA MET A 329 10.52 4.50 -7.81
C MET A 329 9.13 4.24 -8.41
N GLN A 330 8.25 3.62 -7.61
CA GLN A 330 6.91 3.26 -8.06
C GLN A 330 5.90 4.39 -7.91
N GLY A 331 6.36 5.59 -7.58
CA GLY A 331 5.53 6.78 -7.64
C GLY A 331 4.87 7.24 -6.35
N ILE A 332 5.12 6.53 -5.26
CA ILE A 332 4.56 6.94 -3.97
C ILE A 332 5.15 8.31 -3.59
N LEU A 333 4.29 9.28 -3.31
CA LEU A 333 4.74 10.64 -3.11
C LEU A 333 5.56 10.82 -1.81
N ASP A 334 5.11 10.23 -0.73
CA ASP A 334 5.92 10.20 0.49
C ASP A 334 6.33 8.77 0.78
N PRO A 335 7.56 8.42 0.39
CA PRO A 335 7.99 7.00 0.47
C PRO A 335 8.55 6.60 1.82
N ARG A 336 8.58 7.53 2.78
CA ARG A 336 9.07 7.20 4.12
C ARG A 336 8.25 6.10 4.81
N PRO A 337 8.93 5.28 5.61
CA PRO A 337 8.20 4.23 6.31
C PRO A 337 7.41 4.78 7.48
N THR A 338 6.43 3.99 7.94
CA THR A 338 5.64 4.38 9.11
C THR A 338 6.41 4.04 10.37
N ILE A 339 6.53 5.03 11.25
CA ILE A 339 7.16 4.87 12.55
C ILE A 339 6.12 5.15 13.61
N ILE A 340 6.02 4.21 14.54
CA ILE A 340 5.10 4.33 15.63
C ILE A 340 5.85 4.22 16.97
N LYS A 341 5.17 4.60 18.05
CA LYS A 341 5.70 4.48 19.41
C LYS A 341 5.28 3.13 20.00
N ALA A 342 6.23 2.51 20.71
CA ALA A 342 6.03 1.25 21.39
C ALA A 342 6.86 1.21 22.67
N ARG A 343 6.50 0.29 23.57
CA ARG A 343 7.21 0.09 24.83
C ARG A 343 8.29 -1.00 24.73
N LEU A 344 9.49 -0.72 25.19
CA LEU A 344 10.52 -1.76 25.26
C LEU A 344 10.10 -2.93 26.15
N SER A 345 10.39 -4.15 25.70
CA SER A 345 10.05 -5.36 26.45
CA SER A 345 10.05 -5.37 26.44
C SER A 345 11.18 -5.76 27.40
N CYS A 346 12.38 -5.22 27.18
CA CYS A 346 13.49 -5.50 28.08
C CYS A 346 14.51 -4.36 28.09
N ASP A 347 15.35 -4.33 29.12
CA ASP A 347 16.42 -3.34 29.18
C ASP A 347 17.35 -3.49 27.99
N VAL A 348 17.97 -2.39 27.56
CA VAL A 348 18.96 -2.41 26.48
C VAL A 348 20.07 -1.40 26.77
N LYS A 349 21.31 -1.85 26.74
CA LYS A 349 22.45 -0.93 26.81
C LYS A 349 22.57 -0.28 25.44
N LEU A 350 22.79 1.03 25.39
CA LEU A 350 22.85 1.72 24.10
C LEU A 350 24.26 1.69 23.53
N ASP A 351 24.36 1.55 22.21
CA ASP A 351 25.63 1.59 21.48
C ASP A 351 25.87 3.04 21.04
N PRO A 352 27.12 3.40 20.76
CA PRO A 352 27.42 4.72 20.19
C PRO A 352 26.76 4.93 18.83
N ARG A 353 26.51 3.86 18.08
CA ARG A 353 25.78 3.98 16.82
C ARG A 353 24.30 3.83 17.05
N PRO A 354 23.50 4.50 16.21
CA PRO A 354 22.08 4.16 16.21
C PRO A 354 21.92 2.69 15.84
N GLU A 355 21.09 1.98 16.59
CA GLU A 355 20.99 0.52 16.44
C GLU A 355 19.57 0.15 16.06
N TYR A 356 19.44 -0.88 15.22
CA TYR A 356 18.16 -1.32 14.68
C TYR A 356 17.99 -2.81 14.95
N HIS A 357 16.85 -3.18 15.52
CA HIS A 357 16.63 -4.59 15.87
C HIS A 357 15.23 -5.03 15.45
N ARG A 358 15.15 -6.18 14.82
CA ARG A 358 13.85 -6.73 14.44
C ARG A 358 13.08 -7.04 15.70
N CYS A 359 11.78 -6.75 15.67
CA CYS A 359 10.92 -7.08 16.80
C CYS A 359 9.55 -7.47 16.29
N ILE A 360 8.72 -7.92 17.24
CA ILE A 360 7.31 -8.19 17.02
C ILE A 360 6.49 -7.24 17.87
N LEU A 361 5.72 -6.39 17.22
CA LEU A 361 4.81 -5.48 17.89
C LEU A 361 3.57 -6.25 18.31
N THR A 362 3.14 -6.00 19.54
CA THR A 362 2.04 -6.73 20.15
C THR A 362 1.19 -5.73 20.94
N TRP A 363 -0.12 -5.79 20.75
CA TRP A 363 -1.06 -4.93 21.47
C TRP A 363 -1.75 -5.76 22.53
N HIS A 364 -1.76 -5.28 23.77
CA HIS A 364 -2.32 -6.03 24.89
C HIS A 364 -3.68 -5.49 25.24
N HIS A 365 -4.48 -6.31 25.91
CA HIS A 365 -5.85 -5.93 26.21
C HIS A 365 -5.92 -4.54 26.85
N GLN A 366 -6.59 -3.63 26.15
CA GLN A 366 -6.95 -2.30 26.69
C GLN A 366 -5.74 -1.42 27.04
N GLU A 367 -4.55 -1.85 26.63
CA GLU A 367 -3.36 -1.02 26.77
C GLU A 367 -3.16 -0.24 25.47
N PRO A 368 -3.01 1.08 25.58
CA PRO A 368 -2.93 1.99 24.44
C PRO A 368 -1.70 1.81 23.55
N LEU A 369 -0.51 1.61 24.12
CA LEU A 369 0.69 1.42 23.31
C LEU A 369 1.10 -0.03 23.14
N PRO A 370 1.56 -0.40 21.94
CA PRO A 370 2.02 -1.78 21.81
C PRO A 370 3.36 -2.02 22.53
N TRP A 371 3.63 -3.29 22.81
CA TRP A 371 4.96 -3.73 23.25
C TRP A 371 5.79 -4.23 22.05
N ALA A 372 7.07 -3.89 22.06
CA ALA A 372 8.03 -4.36 21.07
C ALA A 372 8.82 -5.53 21.67
N GLN A 373 8.48 -6.74 21.23
CA GLN A 373 9.15 -7.96 21.66
C GLN A 373 10.35 -8.17 20.74
N SER A 374 11.56 -8.17 21.30
CA SER A 374 12.78 -8.36 20.51
C SER A 374 13.00 -9.84 20.21
N THR A 375 13.05 -10.18 18.91
CA THR A 375 13.22 -11.57 18.46
C THR A 375 14.48 -12.21 19.04
N SER A 381 7.85 -16.49 24.01
CA SER A 381 7.79 -17.86 24.49
C SER A 381 7.28 -18.76 23.38
N ARG A 382 6.31 -19.64 23.69
CA ARG A 382 5.73 -20.52 22.68
C ARG A 382 5.24 -19.73 21.45
N LEU A 383 4.37 -18.76 21.68
CA LEU A 383 3.65 -18.07 20.61
C LEU A 383 4.45 -17.07 19.74
N MET A 384 5.47 -16.44 20.31
CA MET A 384 6.27 -15.46 19.57
C MET A 384 7.08 -16.12 18.45
N SER A 385 7.49 -17.38 18.67
CA SER A 385 8.24 -18.14 17.68
C SER A 385 7.39 -18.58 16.47
N MET A 386 6.06 -18.36 16.55
CA MET A 386 5.10 -18.69 15.49
C MET A 386 4.93 -17.54 14.51
N ARG A 387 5.53 -16.40 14.85
CA ARG A 387 5.21 -15.11 14.24
C ARG A 387 6.44 -14.44 13.63
N SER A 388 6.25 -13.87 12.44
CA SER A 388 7.32 -13.17 11.76
C SER A 388 7.51 -11.79 12.36
N ALA A 389 8.75 -11.29 12.36
CA ALA A 389 9.03 -9.90 12.76
C ALA A 389 8.23 -8.89 11.95
N ASN A 390 7.55 -7.96 12.61
CA ASN A 390 6.81 -6.93 11.89
C ASN A 390 7.26 -5.50 12.18
N GLY A 391 8.34 -5.35 12.95
CA GLY A 391 8.90 -4.05 13.21
C GLY A 391 10.41 -4.02 13.37
N LEU A 392 10.93 -2.80 13.31
CA LEU A 392 12.34 -2.53 13.49
C LEU A 392 12.45 -1.49 14.59
N LEU A 393 12.87 -1.95 15.77
CA LEU A 393 13.18 -1.07 16.89
C LEU A 393 14.31 -0.13 16.49
N MET A 394 14.11 1.15 16.74
CA MET A 394 15.06 2.17 16.34
C MET A 394 15.67 2.79 17.60
N LEU A 395 16.82 2.27 18.01
CA LEU A 395 17.42 2.75 19.26
C LEU A 395 18.30 3.96 19.03
N PRO A 396 18.17 4.98 19.90
CA PRO A 396 18.98 6.18 19.77
C PRO A 396 20.47 5.92 20.09
N PRO A 397 21.36 6.71 19.51
CA PRO A 397 22.78 6.54 19.83
C PRO A 397 23.09 6.85 21.32
N LYS A 398 24.14 6.25 21.86
CA LYS A 398 24.59 6.51 23.24
C LYS A 398 24.84 8.00 23.42
N THR A 399 24.62 8.50 24.63
CA THR A 399 24.89 9.90 24.93
C THR A 399 25.26 10.03 26.41
N GLU A 400 25.76 11.20 26.77
CA GLU A 400 26.08 11.51 28.17
C GLU A 400 25.02 11.00 29.14
N GLN A 401 23.78 11.44 28.93
CA GLN A 401 22.68 11.15 29.85
C GLN A 401 22.16 9.73 29.70
N TYR A 402 22.06 9.28 28.45
CA TYR A 402 21.41 8.00 28.18
C TYR A 402 22.43 6.97 27.71
N VAL A 403 22.60 5.95 28.52
CA VAL A 403 23.55 4.88 28.26
C VAL A 403 22.82 3.54 28.23
N GLU A 404 21.55 3.57 28.64
CA GLU A 404 20.73 2.39 28.81
C GLU A 404 19.27 2.83 28.75
N LEU A 405 18.40 1.97 28.22
CA LEU A 405 16.96 2.16 28.26
C LEU A 405 16.31 0.98 28.97
N HIS A 406 15.21 1.21 29.69
CA HIS A 406 14.61 0.16 30.51
C HIS A 406 13.28 -0.32 30.02
N LYS A 407 12.94 -1.54 30.43
CA LYS A 407 11.66 -2.14 30.10
C LYS A 407 10.53 -1.12 30.35
N GLY A 408 9.63 -0.96 29.39
CA GLY A 408 8.48 -0.09 29.58
C GLY A 408 8.66 1.29 28.95
N GLU A 409 9.89 1.70 28.74
CA GLU A 409 10.18 2.98 28.12
C GLU A 409 9.76 3.01 26.66
N VAL A 410 9.30 4.19 26.23
CA VAL A 410 8.70 4.36 24.92
C VAL A 410 9.77 4.68 23.88
N VAL A 411 9.78 3.90 22.81
CA VAL A 411 10.76 4.04 21.75
C VAL A 411 10.09 3.98 20.39
N ASP A 412 10.83 4.37 19.35
CA ASP A 412 10.34 4.36 17.99
C ASP A 412 10.51 3.00 17.37
N VAL A 413 9.52 2.57 16.59
CA VAL A 413 9.61 1.28 15.89
C VAL A 413 9.12 1.49 14.46
N MET A 414 9.93 1.11 13.48
N MET A 414 9.93 1.09 13.48
CA MET A 414 9.55 1.17 12.08
CA MET A 414 9.57 1.17 12.08
C MET A 414 8.72 -0.03 11.75
C MET A 414 8.74 -0.04 11.73
N VAL A 415 7.58 0.17 11.11
CA VAL A 415 6.72 -0.93 10.73
C VAL A 415 7.26 -1.52 9.42
N ILE A 416 7.53 -2.81 9.42
CA ILE A 416 8.09 -3.47 8.26
C ILE A 416 7.27 -4.68 7.85
N GLY A 417 6.23 -5.01 8.62
CA GLY A 417 5.35 -6.14 8.34
C GLY A 417 3.86 -5.83 8.40
N LEU A 419 1.14 -6.59 10.03
CA LEU A 419 0.48 -6.66 11.34
C LEU A 419 -0.71 -7.61 11.31
N ASP B 1 9.59 17.09 12.83
CA ASP B 1 10.65 16.60 11.96
C ASP B 1 10.59 15.07 11.84
N PHE B 2 10.88 14.55 10.65
CA PHE B 2 11.05 13.11 10.48
C PHE B 2 12.52 12.78 10.71
N SER B 3 12.76 11.60 11.27
CA SER B 3 14.13 11.10 11.41
C SER B 3 14.16 9.58 11.36
N ILE B 4 15.15 9.05 10.66
CA ILE B 4 15.31 7.62 10.58
C ILE B 4 16.20 7.12 11.74
N VAL B 5 16.59 8.04 12.61
CA VAL B 5 17.28 7.66 13.85
C VAL B 5 16.30 7.72 15.01
N GLY B 6 16.32 6.68 15.84
CA GLY B 6 15.38 6.58 16.94
C GLY B 6 15.56 7.78 17.86
N SER B 7 14.46 8.21 18.47
CA SER B 7 14.53 9.34 19.37
C SER B 7 14.70 8.85 20.83
N LEU B 8 15.15 9.72 21.71
CA LEU B 8 15.28 9.34 23.12
C LEU B 8 13.88 9.15 23.68
N PRO B 9 13.75 8.31 24.72
CA PRO B 9 12.41 8.09 25.30
C PRO B 9 11.85 9.40 25.86
N ARG B 10 11.28 10.20 24.98
CA ARG B 10 10.66 11.48 25.32
C ARG B 10 10.71 11.81 26.81
C1 GOL C . 19.87 3.65 33.99
O1 GOL C . 18.94 2.94 34.77
C2 GOL C . 19.21 4.94 33.52
O2 GOL C . 18.16 5.25 34.42
C3 GOL C . 20.22 6.06 33.44
O3 GOL C . 20.52 6.28 32.07
H11 GOL C . 20.18 3.06 33.13
H12 GOL C . 20.76 3.89 34.58
HO1 GOL C . 19.33 2.07 35.03
H2 GOL C . 18.79 4.76 32.53
HO2 GOL C . 18.54 5.42 35.31
H31 GOL C . 19.80 6.97 33.87
H32 GOL C . 21.12 5.81 33.98
HO3 GOL C . 19.78 6.76 31.64
C1 GOL D . 4.16 10.58 -12.37
O1 GOL D . 5.54 10.36 -12.57
C2 GOL D . 3.72 11.88 -13.05
O2 GOL D . 3.96 11.79 -14.44
C3 GOL D . 2.23 12.15 -12.83
O3 GOL D . 1.73 12.96 -13.89
H11 GOL D . 3.58 9.75 -12.77
H12 GOL D . 3.95 10.65 -11.29
HO1 GOL D . 5.81 9.56 -12.07
H2 GOL D . 4.28 12.70 -12.62
HO2 GOL D . 3.43 11.08 -14.83
H31 GOL D . 1.68 11.21 -12.82
H32 GOL D . 2.07 12.65 -11.88
HO3 GOL D . 1.27 13.74 -13.51
C1 GOL E . 11.64 -3.42 -17.21
O1 GOL E . 10.56 -2.67 -16.64
C2 GOL E . 13.00 -2.94 -16.68
O2 GOL E . 13.74 -4.03 -16.22
C3 GOL E . 13.85 -2.26 -17.73
O3 GOL E . 15.15 -2.08 -17.21
H11 GOL E . 11.51 -4.47 -16.97
H12 GOL E . 11.62 -3.31 -18.29
HO1 GOL E . 9.72 -2.96 -17.05
H2 GOL E . 12.82 -2.24 -15.85
HO2 GOL E . 13.93 -4.63 -16.97
H31 GOL E . 13.88 -2.87 -18.63
H32 GOL E . 13.42 -1.29 -17.98
HO3 GOL E . 15.79 -1.96 -17.94
C1 GOL F . 1.18 6.88 -22.12
O1 GOL F . 1.38 7.21 -23.47
C2 GOL F . 2.50 6.47 -21.48
O2 GOL F . 2.21 5.97 -20.21
C3 GOL F . 3.20 5.37 -22.26
O3 GOL F . 3.76 5.87 -23.45
H11 GOL F . 0.46 6.07 -22.04
H12 GOL F . 0.78 7.75 -21.59
HO1 GOL F . 0.52 7.41 -23.89
H2 GOL F . 3.15 7.34 -21.41
HO2 GOL F . 1.63 5.19 -20.28
H31 GOL F . 3.99 4.92 -21.65
H32 GOL F . 2.49 4.58 -22.50
HO3 GOL F . 4.35 6.62 -23.25
C1 GOL G . -10.68 9.13 -17.66
O1 GOL G . -10.48 10.22 -16.81
C2 GOL G . -12.08 9.07 -18.27
O2 GOL G . -12.81 10.26 -18.08
C3 GOL G . -12.00 8.76 -19.77
O3 GOL G . -12.37 7.42 -19.97
H11 GOL G . -9.94 9.17 -18.47
H12 GOL G . -10.50 8.21 -17.11
HO1 GOL G . -9.59 10.17 -16.41
H2 GOL G . -12.62 8.24 -17.80
HO2 GOL G . -12.36 11.00 -18.55
H31 GOL G . -10.97 8.93 -20.11
H32 GOL G . -12.65 9.43 -20.32
HO3 GOL G . -11.61 6.93 -20.35
C1 GOL H . 0.09 8.89 0.02
O1 GOL H . 0.51 7.62 0.46
C2 GOL H . 1.02 9.31 -1.11
O2 GOL H . 2.33 9.43 -0.55
C3 GOL H . 0.94 8.22 -2.18
O3 GOL H . 1.51 8.60 -3.43
H11 GOL H . -0.94 8.85 -0.35
H12 GOL H . 0.14 9.61 0.83
HO1 GOL H . -0.03 7.35 1.23
H2 GOL H . 0.69 10.27 -1.53
HO2 GOL H . 2.59 8.58 -0.15
H31 GOL H . 1.45 7.33 -1.82
H32 GOL H . -0.10 7.96 -2.34
HO3 GOL H . 0.79 8.81 -4.06
C1 GOL I . -8.72 -2.02 3.15
O1 GOL I . -9.78 -1.15 2.88
C2 GOL I . -7.43 -1.57 2.45
O2 GOL I . -7.01 -0.31 2.92
C3 GOL I . -6.34 -2.57 2.73
O3 GOL I . -6.63 -3.76 2.02
H11 GOL I . -8.55 -2.06 4.23
H12 GOL I . -8.97 -3.03 2.81
HO1 GOL I . -10.60 -1.50 3.28
H2 GOL I . -7.60 -1.53 1.38
HO2 GOL I . -6.82 -0.36 3.87
H31 GOL I . -5.37 -2.18 2.40
H32 GOL I . -6.28 -2.78 3.79
HO3 GOL I . -6.96 -4.43 2.64
C1 GOL J . 11.47 -11.23 9.49
O1 GOL J . 12.32 -10.19 9.04
C2 GOL J . 10.49 -11.53 8.35
O2 GOL J . 10.08 -12.91 8.26
C3 GOL J . 11.18 -11.05 7.07
O3 GOL J . 10.39 -10.19 6.30
H11 GOL J . 12.05 -12.11 9.73
H12 GOL J . 10.93 -10.92 10.38
HO1 GOL J . 12.93 -9.92 9.77
H2 GOL J . 9.60 -10.91 8.50
HO2 GOL J . 9.46 -13.02 7.51
H31 GOL J . 12.11 -10.54 7.34
H32 GOL J . 11.46 -11.91 6.47
HO3 GOL J . 10.96 -9.65 5.71
C ACT K . 6.74 -3.03 -14.83
O ACT K . 7.38 -2.74 -15.87
OXT ACT K . 6.85 -4.22 -14.42
CH3 ACT K . 5.87 -2.04 -14.13
H1 ACT K . 5.90 -1.08 -14.66
H2 ACT K . 6.23 -1.90 -13.11
H3 ACT K . 4.85 -2.41 -14.10
#